data_9G6T
#
_entry.id   9G6T
#
_cell.length_a   65.191
_cell.length_b   71.145
_cell.length_c   105.730
_cell.angle_alpha   90.000
_cell.angle_beta   90.000
_cell.angle_gamma   90.000
#
_symmetry.space_group_name_H-M   'P 21 21 21'
#
loop_
_entity.id
_entity.type
_entity.pdbx_description
1 polymer 'Cellular tumor antigen p53'
2 non-polymer 5-chloranyl-6-methyl-pyrazine-2-carbonitrile
3 non-polymer 1,2-ETHANEDIOL
4 non-polymer '4-(2-HYDROXYETHYL)-1-PIPERAZINE ETHANESULFONIC ACID'
5 non-polymer DI(HYDROXYETHYL)ETHER
6 non-polymer GLYCEROL
7 non-polymer 'ZINC ION'
8 water water
#
_entity_poly.entity_id   1
_entity_poly.type   'polypeptide(L)'
_entity_poly.pdbx_seq_one_letter_code
;SSSVPSQKTYQGSYGFRLGFLHSGTAKSVTCTYSPALNKLFCQLAKTCPVQLWVDSTPPPGTRVRAMAIYKQSQHMTEVV
RRCPHHERCSDSDGLAPPQHLIRVEGNLRAEYLDDRNTFRHSVVVPCEPPEVGSDCTTIHYNYMCYSSCMGGMNRRPILT
IITLEDSSGNLLGRDSFEVRVCACPGRDRRTEEENLRKKGEPHHELPPGSTKRALPNNT
;
_entity_poly.pdbx_strand_id   A,B
#
# COMPACT_ATOMS: atom_id res chain seq x y z
N SER A 2 7.00 13.18 5.61
CA SER A 2 6.40 12.46 6.72
C SER A 2 6.28 10.97 6.44
N SER A 3 6.51 10.16 7.47
CA SER A 3 6.24 8.72 7.41
C SER A 3 4.81 8.51 6.90
N VAL A 4 4.51 7.33 6.37
CA VAL A 4 3.23 7.10 5.72
C VAL A 4 2.42 6.13 6.58
N PRO A 5 1.21 6.50 6.99
CA PRO A 5 0.34 5.56 7.72
C PRO A 5 0.02 4.33 6.89
N SER A 6 -0.08 3.18 7.57
CA SER A 6 -0.47 1.96 6.89
C SER A 6 -1.87 2.08 6.29
N GLN A 7 -2.05 1.49 5.11
CA GLN A 7 -3.38 1.40 4.51
C GLN A 7 -3.85 -0.04 4.38
N LYS A 8 -3.21 -0.98 5.08
CA LYS A 8 -3.53 -2.39 4.92
C LYS A 8 -4.87 -2.71 5.56
N THR A 9 -5.76 -3.36 4.80
CA THR A 9 -7.07 -3.75 5.35
C THR A 9 -6.87 -4.77 6.45
N TYR A 10 -7.58 -4.58 7.55
CA TYR A 10 -7.41 -5.44 8.73
C TYR A 10 -8.75 -5.52 9.45
N GLN A 11 -9.40 -6.69 9.38
N GLN A 11 -9.41 -6.68 9.38
CA GLN A 11 -10.69 -6.82 10.06
CA GLN A 11 -10.70 -6.79 10.06
C GLN A 11 -10.51 -6.89 11.56
C GLN A 11 -10.53 -6.93 11.57
N GLY A 12 -9.45 -7.54 12.03
CA GLY A 12 -9.20 -7.65 13.46
C GLY A 12 -10.19 -8.58 14.18
N SER A 13 -10.12 -8.50 15.51
CA SER A 13 -10.88 -9.40 16.37
C SER A 13 -12.39 -9.21 16.23
N TYR A 14 -12.84 -8.00 15.90
CA TYR A 14 -14.25 -7.67 15.88
C TYR A 14 -14.87 -7.72 14.49
N GLY A 15 -14.11 -8.12 13.48
CA GLY A 15 -14.66 -8.20 12.14
C GLY A 15 -15.03 -6.85 11.55
N PHE A 16 -14.15 -5.86 11.70
CA PHE A 16 -14.45 -4.50 11.29
C PHE A 16 -14.34 -4.32 9.77
N ARG A 17 -15.34 -3.67 9.17
CA ARG A 17 -15.25 -3.26 7.77
C ARG A 17 -16.25 -2.15 7.51
N LEU A 18 -16.02 -1.44 6.40
CA LEU A 18 -16.91 -0.36 5.98
C LEU A 18 -18.00 -0.90 5.06
N GLY A 19 -19.05 -0.10 4.93
CA GLY A 19 -20.03 -0.32 3.88
C GLY A 19 -20.54 1.01 3.36
N PHE A 20 -21.10 0.97 2.16
CA PHE A 20 -21.63 2.16 1.50
C PHE A 20 -23.03 1.88 0.97
N LEU A 21 -23.91 2.88 1.10
CA LEU A 21 -25.24 2.82 0.50
C LEU A 21 -25.14 2.78 -1.03
N HIS A 22 -26.25 2.42 -1.68
CA HIS A 22 -26.30 2.36 -3.14
C HIS A 22 -27.03 3.59 -3.68
N SER A 23 -26.26 4.58 -4.17
CA SER A 23 -26.82 5.88 -4.50
C SER A 23 -27.08 6.11 -5.98
N GLY A 24 -26.45 5.34 -6.87
CA GLY A 24 -26.63 5.52 -8.30
C GLY A 24 -25.74 6.62 -8.86
N THR A 25 -25.86 6.86 -10.17
CA THR A 25 -25.00 7.84 -10.86
C THR A 25 -25.80 8.91 -11.58
N ALA A 26 -27.03 9.19 -11.13
CA ALA A 26 -27.82 10.24 -11.76
C ALA A 26 -27.15 11.60 -11.59
N LYS A 27 -27.52 12.54 -12.47
CA LYS A 27 -26.92 13.87 -12.44
C LYS A 27 -27.17 14.56 -11.11
N SER A 28 -28.23 14.19 -10.40
CA SER A 28 -28.57 14.82 -9.13
C SER A 28 -27.82 14.24 -7.93
N VAL A 29 -27.05 13.16 -8.10
CA VAL A 29 -26.43 12.53 -6.94
C VAL A 29 -25.29 13.41 -6.44
N THR A 30 -25.17 13.53 -5.11
CA THR A 30 -24.13 14.32 -4.48
C THR A 30 -23.02 13.48 -3.87
N CYS A 31 -23.22 12.18 -3.74
CA CYS A 31 -22.26 11.29 -3.10
C CYS A 31 -22.55 9.89 -3.62
N THR A 32 -21.55 9.23 -4.22
CA THR A 32 -21.81 7.91 -4.76
C THR A 32 -20.54 7.07 -4.70
N TYR A 33 -20.70 5.80 -4.35
CA TYR A 33 -19.58 4.90 -4.10
C TYR A 33 -19.49 3.88 -5.21
N SER A 34 -18.28 3.69 -5.75
CA SER A 34 -18.02 2.68 -6.77
C SER A 34 -17.32 1.48 -6.16
N PRO A 35 -18.00 0.33 -5.98
CA PRO A 35 -17.27 -0.86 -5.51
C PRO A 35 -16.22 -1.34 -6.49
N ALA A 36 -16.42 -1.17 -7.80
CA ALA A 36 -15.43 -1.67 -8.75
C ALA A 36 -14.11 -0.92 -8.63
N LEU A 37 -14.17 0.37 -8.29
CA LEU A 37 -12.99 1.20 -8.11
C LEU A 37 -12.56 1.36 -6.65
N ASN A 38 -13.34 0.83 -5.71
CA ASN A 38 -13.24 1.17 -4.28
C ASN A 38 -13.03 2.66 -4.09
N LYS A 39 -13.94 3.45 -4.67
CA LYS A 39 -13.75 4.89 -4.75
C LYS A 39 -15.06 5.61 -4.48
N LEU A 40 -15.01 6.59 -3.58
CA LEU A 40 -16.14 7.45 -3.26
C LEU A 40 -16.02 8.72 -4.10
N PHE A 41 -17.13 9.13 -4.72
CA PHE A 41 -17.19 10.38 -5.49
C PHE A 41 -18.18 11.29 -4.79
N CYS A 42 -17.76 12.51 -4.46
CA CYS A 42 -18.66 13.37 -3.71
C CYS A 42 -18.44 14.83 -4.05
N GLN A 43 -19.49 15.63 -3.85
CA GLN A 43 -19.42 17.07 -4.00
C GLN A 43 -18.78 17.70 -2.77
N LEU A 44 -18.31 18.94 -2.95
CA LEU A 44 -17.65 19.68 -1.88
C LEU A 44 -18.57 19.88 -0.67
N ALA A 45 -18.11 19.46 0.50
CA ALA A 45 -18.76 19.72 1.79
C ALA A 45 -20.13 19.06 1.92
N LYS A 46 -20.47 18.11 1.06
CA LYS A 46 -21.74 17.39 1.18
C LYS A 46 -21.61 16.19 2.10
N THR A 47 -22.75 15.77 2.64
CA THR A 47 -22.78 14.65 3.57
C THR A 47 -22.43 13.35 2.87
N CYS A 48 -21.45 12.64 3.41
CA CYS A 48 -21.04 11.32 2.90
C CYS A 48 -21.31 10.27 3.98
N PRO A 49 -22.39 9.50 3.88
CA PRO A 49 -22.65 8.46 4.88
C PRO A 49 -21.76 7.24 4.63
N VAL A 50 -21.08 6.79 5.68
CA VAL A 50 -20.24 5.61 5.65
C VAL A 50 -20.72 4.68 6.75
N GLN A 51 -21.00 3.43 6.39
CA GLN A 51 -21.44 2.43 7.36
C GLN A 51 -20.24 1.77 8.03
N LEU A 52 -20.37 1.53 9.34
CA LEU A 52 -19.37 0.78 10.09
C LEU A 52 -20.00 -0.53 10.52
N TRP A 53 -19.38 -1.64 10.12
CA TRP A 53 -19.88 -2.97 10.42
C TRP A 53 -18.88 -3.70 11.30
N VAL A 54 -19.38 -4.42 12.31
CA VAL A 54 -18.56 -5.36 13.07
C VAL A 54 -19.33 -6.66 13.23
N ASP A 55 -18.58 -7.75 13.44
CA ASP A 55 -19.18 -9.04 13.74
C ASP A 55 -19.50 -9.21 15.22
N SER A 56 -18.77 -8.51 16.08
CA SER A 56 -19.04 -8.55 17.52
C SER A 56 -18.72 -7.19 18.11
N THR A 57 -19.28 -6.92 19.28
CA THR A 57 -19.24 -5.59 19.87
C THR A 57 -17.88 -5.28 20.50
N PRO A 58 -17.20 -4.22 20.07
CA PRO A 58 -15.92 -3.87 20.70
C PRO A 58 -16.14 -3.24 22.06
N PRO A 59 -15.07 -3.11 22.86
CA PRO A 59 -15.23 -2.63 24.24
C PRO A 59 -15.68 -1.17 24.28
N PRO A 60 -16.32 -0.76 25.37
CA PRO A 60 -16.58 0.67 25.58
C PRO A 60 -15.29 1.47 25.52
N GLY A 61 -15.35 2.63 24.85
CA GLY A 61 -14.17 3.45 24.66
C GLY A 61 -13.46 3.22 23.35
N THR A 62 -13.90 2.26 22.55
CA THR A 62 -13.42 2.12 21.20
C THR A 62 -13.76 3.37 20.40
N ARG A 63 -12.87 3.77 19.48
CA ARG A 63 -13.07 4.98 18.69
C ARG A 63 -12.83 4.66 17.21
N VAL A 64 -13.28 5.58 16.35
CA VAL A 64 -13.15 5.45 14.90
C VAL A 64 -12.50 6.72 14.39
N ARG A 65 -11.34 6.56 13.73
CA ARG A 65 -10.55 7.68 13.22
C ARG A 65 -10.53 7.66 11.71
N ALA A 66 -10.58 8.85 11.09
CA ALA A 66 -10.45 9.00 9.65
C ALA A 66 -9.27 9.92 9.35
N MET A 67 -8.50 9.56 8.32
CA MET A 67 -7.32 10.31 7.91
C MET A 67 -7.19 10.19 6.40
N ALA A 68 -6.74 11.26 5.74
CA ALA A 68 -6.50 11.20 4.29
C ALA A 68 -4.99 11.15 4.01
N ILE A 69 -4.60 10.34 3.01
CA ILE A 69 -3.23 10.35 2.48
C ILE A 69 -3.32 10.39 0.95
N TYR A 70 -2.25 10.87 0.31
CA TYR A 70 -2.17 10.78 -1.14
C TYR A 70 -1.94 9.33 -1.56
N LYS A 71 -2.63 8.93 -2.64
CA LYS A 71 -2.59 7.55 -3.11
C LYS A 71 -1.30 7.21 -3.84
N GLN A 72 -0.76 8.15 -4.60
CA GLN A 72 0.41 7.89 -5.44
C GLN A 72 1.70 7.86 -4.61
N SER A 73 2.56 6.89 -4.94
CA SER A 73 3.80 6.67 -4.21
C SER A 73 4.61 7.95 -4.05
N GLN A 74 4.73 8.73 -5.13
CA GLN A 74 5.59 9.90 -5.09
C GLN A 74 5.00 11.04 -4.25
N HIS A 75 3.74 10.94 -3.82
CA HIS A 75 3.12 11.98 -3.01
C HIS A 75 2.73 11.52 -1.60
N MET A 76 2.87 10.24 -1.27
CA MET A 76 2.32 9.74 -0.01
C MET A 76 2.90 10.43 1.22
N THR A 77 4.13 10.96 1.13
CA THR A 77 4.73 11.59 2.31
C THR A 77 4.26 13.02 2.54
N GLU A 78 3.47 13.60 1.63
CA GLU A 78 2.98 14.96 1.79
C GLU A 78 1.67 14.97 2.58
N VAL A 79 1.58 15.84 3.59
CA VAL A 79 0.37 15.92 4.39
C VAL A 79 -0.79 16.42 3.53
N VAL A 80 -1.93 15.73 3.60
CA VAL A 80 -3.13 16.18 2.90
C VAL A 80 -3.80 17.26 3.74
N ARG A 81 -4.00 18.44 3.15
N ARG A 81 -4.00 18.44 3.14
CA ARG A 81 -4.64 19.56 3.84
CA ARG A 81 -4.60 19.57 3.84
C ARG A 81 -5.49 20.34 2.86
C ARG A 81 -5.45 20.38 2.85
N ARG A 82 -6.30 21.24 3.41
CA ARG A 82 -7.08 22.15 2.57
C ARG A 82 -6.16 23.15 1.89
N CYS A 83 -6.59 23.59 0.72
CA CYS A 83 -5.83 24.49 -0.13
C CYS A 83 -5.80 25.89 0.49
N PRO A 84 -4.94 26.79 -0.03
CA PRO A 84 -4.86 28.14 0.57
C PRO A 84 -6.17 28.92 0.54
N HIS A 85 -7.03 28.63 -0.43
CA HIS A 85 -8.32 29.33 -0.53
C HIS A 85 -9.31 28.80 0.51
N HIS A 86 -9.53 27.49 0.53
CA HIS A 86 -10.58 26.96 1.40
C HIS A 86 -10.18 27.02 2.88
N GLU A 87 -8.89 26.97 3.21
CA GLU A 87 -8.54 27.06 4.63
C GLU A 87 -8.91 28.43 5.20
N ARG A 88 -9.14 29.42 4.34
CA ARG A 88 -9.54 30.76 4.77
C ARG A 88 -11.03 31.03 4.56
N CYS A 89 -11.80 30.02 4.18
CA CYS A 89 -13.25 30.17 4.10
C CYS A 89 -13.84 30.35 5.49
N SER A 90 -14.88 31.19 5.58
CA SER A 90 -15.64 31.31 6.82
C SER A 90 -16.71 30.21 6.85
N ASP A 91 -16.23 28.97 7.02
CA ASP A 91 -17.14 27.83 7.02
C ASP A 91 -16.94 26.93 8.24
N SER A 92 -16.39 27.47 9.32
CA SER A 92 -16.17 26.67 10.51
C SER A 92 -17.49 26.12 11.07
N ASP A 93 -17.43 24.91 11.60
CA ASP A 93 -18.56 24.35 12.32
C ASP A 93 -18.41 24.47 13.83
N GLY A 94 -17.38 25.17 14.29
CA GLY A 94 -17.10 25.32 15.69
C GLY A 94 -16.12 24.32 16.27
N LEU A 95 -15.87 23.20 15.58
CA LEU A 95 -15.02 22.13 16.08
C LEU A 95 -13.83 21.86 15.18
N ALA A 96 -14.06 21.76 13.88
CA ALA A 96 -13.01 21.39 12.96
C ALA A 96 -12.04 22.55 12.75
N PRO A 97 -10.74 22.34 12.89
CA PRO A 97 -9.80 23.38 12.48
C PRO A 97 -9.95 23.66 11.01
N PRO A 98 -9.72 24.91 10.59
CA PRO A 98 -9.98 25.28 9.19
C PRO A 98 -9.07 24.58 8.19
N GLN A 99 -7.93 24.04 8.62
CA GLN A 99 -7.01 23.37 7.71
C GLN A 99 -7.42 21.94 7.36
N HIS A 100 -8.32 21.33 8.13
CA HIS A 100 -8.61 19.90 7.98
C HIS A 100 -9.51 19.62 6.78
N LEU A 101 -9.09 18.66 5.94
CA LEU A 101 -9.91 18.27 4.80
C LEU A 101 -11.16 17.51 5.24
N ILE A 102 -11.02 16.58 6.20
CA ILE A 102 -12.11 15.68 6.57
C ILE A 102 -12.74 16.17 7.86
N ARG A 103 -14.05 16.35 7.84
CA ARG A 103 -14.83 16.65 9.02
C ARG A 103 -15.81 15.52 9.29
N VAL A 104 -16.19 15.36 10.56
CA VAL A 104 -17.36 14.55 10.90
C VAL A 104 -18.53 15.49 11.14
N GLU A 105 -19.64 15.22 10.47
CA GLU A 105 -20.82 16.06 10.55
C GLU A 105 -21.73 15.60 11.67
N GLY A 106 -22.22 16.55 12.46
CA GLY A 106 -23.25 16.28 13.45
C GLY A 106 -22.84 15.32 14.54
N ASN A 107 -21.60 15.40 15.02
CA ASN A 107 -21.19 14.63 16.19
C ASN A 107 -20.43 15.57 17.13
N LEU A 108 -21.08 15.94 18.24
CA LEU A 108 -20.47 16.88 19.18
C LEU A 108 -19.26 16.30 19.92
N ARG A 109 -19.05 14.99 19.87
CA ARG A 109 -17.89 14.36 20.49
C ARG A 109 -16.73 14.15 19.52
N ALA A 110 -16.82 14.70 18.30
CA ALA A 110 -15.70 14.63 17.37
C ALA A 110 -14.49 15.35 17.93
N GLU A 111 -13.32 14.75 17.78
CA GLU A 111 -12.06 15.38 18.14
C GLU A 111 -11.15 15.43 16.93
N TYR A 112 -10.45 16.55 16.77
CA TYR A 112 -9.56 16.77 15.63
C TYR A 112 -8.13 16.80 16.13
N LEU A 113 -7.26 16.04 15.46
CA LEU A 113 -5.87 15.89 15.87
C LEU A 113 -4.95 16.42 14.78
N ASP A 114 -3.99 17.25 15.19
CA ASP A 114 -2.80 17.56 14.42
C ASP A 114 -1.65 16.79 15.07
N ASP A 115 -1.17 15.74 14.39
CA ASP A 115 -0.17 14.87 15.00
C ASP A 115 1.14 15.63 15.23
N ARG A 116 1.66 15.57 16.45
CA ARG A 116 2.82 16.40 16.76
C ARG A 116 4.12 15.89 16.13
N ASN A 117 4.14 14.66 15.62
CA ASN A 117 5.34 14.12 14.98
C ASN A 117 5.23 14.02 13.46
N THR A 118 4.07 13.64 12.94
CA THR A 118 3.88 13.51 11.50
C THR A 118 3.21 14.72 10.88
N PHE A 119 2.54 15.55 11.67
CA PHE A 119 1.79 16.73 11.26
C PHE A 119 0.52 16.37 10.50
N ARG A 120 0.18 15.10 10.44
CA ARG A 120 -1.03 14.72 9.72
C ARG A 120 -2.27 15.04 10.54
N HIS A 121 -3.36 15.29 9.82
CA HIS A 121 -4.66 15.62 10.40
C HIS A 121 -5.52 14.37 10.48
N SER A 122 -6.35 14.29 11.51
CA SER A 122 -7.34 13.23 11.56
C SER A 122 -8.50 13.69 12.40
N VAL A 123 -9.64 13.00 12.26
CA VAL A 123 -10.82 13.25 13.08
C VAL A 123 -11.28 11.92 13.66
N VAL A 124 -11.61 11.92 14.94
CA VAL A 124 -11.93 10.67 15.65
C VAL A 124 -13.21 10.87 16.47
N VAL A 125 -14.07 9.87 16.48
CA VAL A 125 -15.31 9.89 17.26
C VAL A 125 -15.41 8.60 18.07
N PRO A 126 -16.18 8.62 19.16
CA PRO A 126 -16.48 7.36 19.86
C PRO A 126 -17.24 6.41 18.94
N CYS A 127 -16.88 5.13 19.00
CA CYS A 127 -17.63 4.12 18.29
C CYS A 127 -18.89 3.79 19.08
N GLU A 128 -20.03 3.81 18.41
CA GLU A 128 -21.29 3.54 19.07
C GLU A 128 -21.96 2.31 18.45
N PRO A 129 -22.72 1.56 19.24
CA PRO A 129 -23.51 0.46 18.70
C PRO A 129 -24.61 0.98 17.78
N PRO A 130 -25.16 0.12 16.93
CA PRO A 130 -26.25 0.56 16.05
C PRO A 130 -27.46 1.05 16.82
N GLU A 131 -28.21 1.96 16.21
CA GLU A 131 -29.47 2.38 16.79
C GLU A 131 -30.47 1.23 16.77
N VAL A 132 -31.51 1.36 17.60
CA VAL A 132 -32.49 0.30 17.74
C VAL A 132 -33.12 -0.01 16.39
N GLY A 133 -33.11 -1.29 16.03
CA GLY A 133 -33.65 -1.71 14.76
C GLY A 133 -32.66 -1.72 13.62
N SER A 134 -31.42 -1.28 13.84
CA SER A 134 -30.40 -1.24 12.80
C SER A 134 -29.30 -2.25 13.10
N ASP A 135 -28.55 -2.58 12.05
CA ASP A 135 -27.50 -3.59 12.13
C ASP A 135 -26.10 -3.01 11.99
N CYS A 136 -25.97 -1.74 11.65
CA CYS A 136 -24.67 -1.10 11.57
C CYS A 136 -24.79 0.31 12.11
N THR A 137 -23.64 0.94 12.24
CA THR A 137 -23.51 2.32 12.66
C THR A 137 -23.12 3.14 11.44
N THR A 138 -23.64 4.36 11.35
CA THR A 138 -23.31 5.26 10.24
C THR A 138 -22.59 6.49 10.78
N ILE A 139 -21.50 6.86 10.10
N ILE A 139 -21.55 6.90 10.07
CA ILE A 139 -20.82 8.14 10.34
CA ILE A 139 -20.84 8.14 10.35
C ILE A 139 -21.05 9.01 9.11
C ILE A 139 -20.91 9.03 9.11
N HIS A 140 -21.16 10.31 9.32
CA HIS A 140 -21.31 11.27 8.22
C HIS A 140 -20.04 12.08 8.08
N TYR A 141 -19.35 11.94 6.95
CA TYR A 141 -18.14 12.71 6.70
C TYR A 141 -18.40 13.83 5.70
N ASN A 142 -17.59 14.90 5.79
CA ASN A 142 -17.56 15.96 4.79
C ASN A 142 -16.13 16.13 4.29
N TYR A 143 -15.95 16.34 2.99
CA TYR A 143 -14.65 16.66 2.41
C TYR A 143 -14.68 18.12 1.97
N MET A 144 -13.74 18.91 2.49
CA MET A 144 -13.87 20.38 2.48
C MET A 144 -13.00 21.07 1.43
N CYS A 145 -12.47 20.32 0.45
CA CYS A 145 -11.72 20.81 -0.69
C CYS A 145 -12.04 19.94 -1.89
N TYR A 146 -11.95 20.52 -3.09
CA TYR A 146 -12.02 19.70 -4.30
C TYR A 146 -10.70 18.99 -4.56
N SER A 147 -10.78 17.82 -5.21
CA SER A 147 -9.56 17.14 -5.63
C SER A 147 -8.71 18.04 -6.51
N SER A 148 -9.34 18.94 -7.25
CA SER A 148 -8.63 19.78 -8.20
C SER A 148 -8.04 21.04 -7.59
N CYS A 149 -8.29 21.34 -6.31
CA CYS A 149 -7.89 22.64 -5.77
C CYS A 149 -6.38 22.88 -5.91
N MET A 150 -6.02 24.02 -6.50
CA MET A 150 -4.61 24.38 -6.67
C MET A 150 -3.99 24.74 -5.34
N GLY A 151 -2.74 24.32 -5.14
CA GLY A 151 -2.09 24.50 -3.87
C GLY A 151 -2.57 23.57 -2.77
N GLY A 152 -3.54 22.70 -3.06
CA GLY A 152 -4.00 21.67 -2.15
C GLY A 152 -3.80 20.33 -2.80
N MET A 153 -4.87 19.54 -2.94
CA MET A 153 -4.71 18.22 -3.54
C MET A 153 -4.20 18.30 -4.97
N ASN A 154 -4.53 19.37 -5.69
N ASN A 154 -4.56 19.35 -5.70
CA ASN A 154 -3.89 19.70 -6.97
CA ASN A 154 -3.98 19.65 -7.01
C ASN A 154 -4.06 18.59 -8.00
C ASN A 154 -4.10 18.47 -7.98
N ARG A 155 -5.25 17.98 -8.02
N ARG A 155 -5.31 17.93 -8.09
CA ARG A 155 -5.67 16.90 -8.93
CA ARG A 155 -5.70 16.84 -8.98
C ARG A 155 -5.07 15.55 -8.58
C ARG A 155 -5.12 15.50 -8.56
N ARG A 156 -4.44 15.41 -7.42
CA ARG A 156 -3.86 14.14 -6.99
C ARG A 156 -4.89 13.32 -6.22
N PRO A 157 -5.03 12.03 -6.55
CA PRO A 157 -5.97 11.17 -5.82
C PRO A 157 -5.57 10.99 -4.36
N ILE A 158 -6.57 10.85 -3.50
CA ILE A 158 -6.34 10.58 -2.09
C ILE A 158 -7.07 9.30 -1.70
N LEU A 159 -6.61 8.71 -0.60
CA LEU A 159 -7.29 7.63 0.09
C LEU A 159 -7.75 8.16 1.44
N THR A 160 -8.92 7.72 1.88
CA THR A 160 -9.31 7.86 3.28
C THR A 160 -9.05 6.54 3.98
N ILE A 161 -8.35 6.61 5.11
CA ILE A 161 -8.08 5.44 5.95
C ILE A 161 -8.96 5.57 7.19
N ILE A 162 -9.79 4.55 7.44
CA ILE A 162 -10.64 4.50 8.63
C ILE A 162 -10.08 3.45 9.56
N THR A 163 -9.72 3.86 10.78
CA THR A 163 -9.18 2.91 11.73
C THR A 163 -10.08 2.81 12.95
N LEU A 164 -10.28 1.58 13.40
CA LEU A 164 -10.95 1.31 14.66
C LEU A 164 -9.85 1.19 15.71
N GLU A 165 -9.99 1.93 16.81
CA GLU A 165 -8.93 2.06 17.81
C GLU A 165 -9.47 1.78 19.20
N ASP A 166 -8.58 1.27 20.07
CA ASP A 166 -8.96 1.19 21.48
C ASP A 166 -8.75 2.56 22.14
N SER A 167 -8.98 2.62 23.46
CA SER A 167 -8.98 3.92 24.13
C SER A 167 -7.60 4.56 24.20
N SER A 168 -6.51 3.78 24.04
CA SER A 168 -5.16 4.33 23.93
C SER A 168 -4.77 4.72 22.53
N GLY A 169 -5.58 4.36 21.54
CA GLY A 169 -5.23 4.58 20.15
C GLY A 169 -4.58 3.41 19.46
N ASN A 170 -4.49 2.25 20.11
CA ASN A 170 -3.93 1.09 19.45
C ASN A 170 -4.89 0.55 18.40
N LEU A 171 -4.33 -0.05 17.37
CA LEU A 171 -5.10 -0.52 16.21
C LEU A 171 -5.96 -1.73 16.56
N LEU A 172 -7.26 -1.64 16.23
CA LEU A 172 -8.17 -2.78 16.28
C LEU A 172 -8.69 -3.21 14.91
N GLY A 173 -8.73 -2.32 13.95
CA GLY A 173 -9.24 -2.63 12.62
C GLY A 173 -8.92 -1.49 11.69
N ARG A 174 -8.92 -1.78 10.39
CA ARG A 174 -8.56 -0.76 9.40
C ARG A 174 -9.23 -1.09 8.06
N ASP A 175 -9.72 -0.05 7.38
CA ASP A 175 -10.29 -0.17 6.05
C ASP A 175 -9.99 1.15 5.33
N SER A 176 -10.19 1.19 4.01
CA SER A 176 -9.85 2.41 3.29
C SER A 176 -10.58 2.46 1.95
N PHE A 177 -10.60 3.65 1.37
CA PHE A 177 -11.23 3.83 0.07
C PHE A 177 -10.63 5.08 -0.57
N GLU A 178 -10.59 5.09 -1.90
CA GLU A 178 -10.21 6.28 -2.63
C GLU A 178 -11.34 7.31 -2.61
N VAL A 179 -10.99 8.59 -2.76
CA VAL A 179 -11.98 9.66 -2.80
C VAL A 179 -11.63 10.61 -3.94
N ARG A 180 -12.66 10.99 -4.70
CA ARG A 180 -12.60 12.15 -5.58
C ARG A 180 -13.67 13.12 -5.15
N VAL A 181 -13.28 14.35 -4.84
CA VAL A 181 -14.20 15.44 -4.51
C VAL A 181 -14.33 16.28 -5.76
N CYS A 182 -15.54 16.36 -6.31
CA CYS A 182 -15.73 16.91 -7.64
C CYS A 182 -17.14 17.46 -7.78
N ALA A 183 -17.34 18.29 -8.81
CA ALA A 183 -18.64 18.93 -8.99
C ALA A 183 -19.70 17.96 -9.52
N CYS A 184 -19.30 16.91 -10.24
CA CYS A 184 -20.25 15.99 -10.90
C CYS A 184 -19.91 14.55 -10.56
N PRO A 185 -20.20 14.11 -9.33
CA PRO A 185 -19.78 12.76 -8.92
C PRO A 185 -20.43 11.63 -9.71
N GLY A 186 -21.69 11.76 -10.11
CA GLY A 186 -22.31 10.71 -10.90
C GLY A 186 -21.65 10.55 -12.26
N ARG A 187 -21.43 11.67 -12.96
CA ARG A 187 -20.78 11.63 -14.25
C ARG A 187 -19.36 11.08 -14.15
N ASP A 188 -18.62 11.50 -13.13
CA ASP A 188 -17.24 11.07 -13.00
C ASP A 188 -17.15 9.60 -12.62
N ARG A 189 -18.05 9.13 -11.76
CA ARG A 189 -18.07 7.68 -11.48
C ARG A 189 -18.35 6.89 -12.75
N ARG A 190 -19.30 7.33 -13.57
CA ARG A 190 -19.60 6.59 -14.81
C ARG A 190 -18.39 6.57 -15.73
N THR A 191 -17.70 7.70 -15.86
CA THR A 191 -16.54 7.78 -16.74
C THR A 191 -15.43 6.85 -16.27
N GLU A 192 -15.12 6.88 -14.97
CA GLU A 192 -14.00 6.07 -14.48
C GLU A 192 -14.34 4.59 -14.51
N GLU A 193 -15.61 4.23 -14.31
CA GLU A 193 -15.99 2.81 -14.41
C GLU A 193 -15.93 2.34 -15.85
N GLU A 194 -16.32 3.19 -16.80
CA GLU A 194 -16.16 2.84 -18.21
C GLU A 194 -14.69 2.71 -18.58
N ASN A 195 -13.84 3.62 -18.09
CA ASN A 195 -12.41 3.50 -18.34
C ASN A 195 -11.86 2.19 -17.81
N LEU A 196 -12.31 1.77 -16.63
CA LEU A 196 -11.82 0.52 -16.04
C LEU A 196 -12.21 -0.69 -16.88
N ARG A 197 -13.46 -0.70 -17.37
CA ARG A 197 -13.91 -1.82 -18.19
C ARG A 197 -13.12 -1.88 -19.50
N LYS A 198 -12.91 -0.73 -20.15
CA LYS A 198 -12.15 -0.71 -21.39
C LYS A 198 -10.69 -1.09 -21.19
N LYS A 199 -10.20 -1.04 -19.95
CA LYS A 199 -8.84 -1.44 -19.63
C LYS A 199 -8.76 -2.92 -19.28
N SER B 1 33.75 -4.31 -5.91
CA SER B 1 33.92 -3.58 -4.66
C SER B 1 33.33 -4.32 -3.44
N SER B 2 32.31 -5.17 -3.62
CA SER B 2 31.71 -5.88 -2.51
C SER B 2 31.72 -7.38 -2.77
N SER B 3 31.82 -8.15 -1.67
CA SER B 3 31.65 -9.59 -1.77
C SER B 3 30.23 -9.90 -2.23
N VAL B 4 30.09 -11.05 -2.89
CA VAL B 4 28.86 -11.41 -3.57
C VAL B 4 28.15 -12.49 -2.77
N PRO B 5 26.92 -12.26 -2.32
CA PRO B 5 26.17 -13.33 -1.67
C PRO B 5 25.92 -14.48 -2.62
N SER B 6 25.86 -15.68 -2.08
CA SER B 6 25.50 -16.84 -2.87
C SER B 6 24.11 -16.69 -3.45
N GLN B 7 23.93 -17.17 -4.69
CA GLN B 7 22.61 -17.28 -5.29
C GLN B 7 22.18 -18.74 -5.45
N LYS B 8 22.89 -19.67 -4.83
CA LYS B 8 22.65 -21.09 -5.06
C LYS B 8 21.38 -21.52 -4.35
N THR B 9 20.48 -22.17 -5.10
CA THR B 9 19.24 -22.67 -4.52
C THR B 9 19.53 -23.69 -3.43
N TYR B 10 18.84 -23.55 -2.30
CA TYR B 10 19.11 -24.39 -1.13
C TYR B 10 17.79 -24.56 -0.39
N GLN B 11 17.17 -25.74 -0.52
CA GLN B 11 15.89 -25.95 0.15
C GLN B 11 16.05 -26.08 1.67
N GLY B 12 17.15 -26.66 2.13
CA GLY B 12 17.38 -26.74 3.56
C GLY B 12 16.49 -27.78 4.23
N SER B 13 16.55 -27.76 5.58
N SER B 13 16.54 -27.78 5.56
CA SER B 13 15.86 -28.75 6.38
CA SER B 13 15.85 -28.84 6.30
C SER B 13 14.34 -28.63 6.27
C SER B 13 14.34 -28.60 6.39
N TYR B 14 13.85 -27.42 6.02
CA TYR B 14 12.42 -27.13 6.03
C TYR B 14 11.80 -27.21 4.65
N GLY B 15 12.57 -27.54 3.62
CA GLY B 15 12.01 -27.65 2.28
C GLY B 15 11.55 -26.32 1.72
N PHE B 16 12.36 -25.27 1.88
CA PHE B 16 11.99 -23.91 1.50
C PHE B 16 12.08 -23.71 0.00
N ARG B 17 11.04 -23.10 -0.59
CA ARG B 17 11.07 -22.66 -1.98
C ARG B 17 9.99 -21.61 -2.20
N LEU B 18 10.16 -20.86 -3.28
CA LEU B 18 9.24 -19.78 -3.63
C LEU B 18 8.13 -20.29 -4.53
N GLY B 19 7.06 -19.51 -4.60
CA GLY B 19 6.03 -19.73 -5.60
C GLY B 19 5.51 -18.39 -6.08
N PHE B 20 4.89 -18.41 -7.26
CA PHE B 20 4.33 -17.20 -7.85
C PHE B 20 2.92 -17.44 -8.35
N LEU B 21 2.08 -16.41 -8.24
CA LEU B 21 0.73 -16.46 -8.80
C LEU B 21 0.78 -16.59 -10.32
N HIS B 22 -0.36 -16.96 -10.89
CA HIS B 22 -0.49 -17.08 -12.36
C HIS B 22 -1.33 -15.92 -12.87
N SER B 23 -0.66 -14.79 -13.12
CA SER B 23 -1.34 -13.56 -13.47
C SER B 23 -1.54 -13.35 -14.97
N GLY B 24 -0.86 -14.10 -15.82
CA GLY B 24 -1.03 -13.90 -17.25
C GLY B 24 -0.32 -12.66 -17.78
N THR B 25 -0.62 -12.34 -19.05
CA THR B 25 0.14 -11.30 -19.74
C THR B 25 -0.75 -10.25 -20.39
N ALA B 26 -1.98 -10.05 -19.91
CA ALA B 26 -2.85 -9.02 -20.47
C ALA B 26 -2.29 -7.63 -20.18
N LYS B 27 -2.77 -6.64 -20.96
CA LYS B 27 -2.26 -5.28 -20.84
C LYS B 27 -2.46 -4.71 -19.44
N SER B 28 -3.45 -5.19 -18.71
CA SER B 28 -3.75 -4.64 -17.40
C SER B 28 -2.85 -5.19 -16.29
N VAL B 29 -2.05 -6.22 -16.55
CA VAL B 29 -1.31 -6.85 -15.47
C VAL B 29 -0.19 -5.92 -15.00
N THR B 30 0.02 -5.90 -13.69
CA THR B 30 1.05 -5.07 -13.08
C THR B 30 2.21 -5.88 -12.54
N CYS B 31 2.06 -7.20 -12.43
CA CYS B 31 3.12 -8.09 -11.98
C CYS B 31 2.85 -9.44 -12.61
N THR B 32 3.86 -10.06 -13.23
CA THR B 32 3.64 -11.36 -13.83
C THR B 32 4.95 -12.15 -13.86
N TYR B 33 4.86 -13.46 -13.59
CA TYR B 33 6.03 -14.31 -13.42
C TYR B 33 6.13 -15.30 -14.57
N SER B 34 7.34 -15.45 -15.10
CA SER B 34 7.62 -16.40 -16.17
C SER B 34 8.37 -17.60 -15.62
N PRO B 35 7.74 -18.77 -15.48
CA PRO B 35 8.50 -19.97 -15.08
C PRO B 35 9.58 -20.36 -16.07
N ALA B 36 9.35 -20.18 -17.37
CA ALA B 36 10.37 -20.57 -18.34
C ALA B 36 11.62 -19.74 -18.20
N LEU B 37 11.49 -18.46 -17.84
CA LEU B 37 12.62 -17.57 -17.67
C LEU B 37 13.10 -17.46 -16.22
N ASN B 38 12.38 -18.06 -15.27
CA ASN B 38 12.52 -17.77 -13.83
C ASN B 38 12.65 -16.26 -13.59
N LYS B 39 11.70 -15.50 -14.12
CA LYS B 39 11.82 -14.04 -14.17
C LYS B 39 10.48 -13.40 -13.84
N LEU B 40 10.51 -12.46 -12.89
CA LEU B 40 9.37 -11.64 -12.52
C LEU B 40 9.40 -10.33 -13.32
N PHE B 41 8.26 -9.94 -13.89
CA PHE B 41 8.11 -8.66 -14.58
C PHE B 41 7.12 -7.80 -13.82
N CYS B 42 7.49 -6.56 -13.49
CA CYS B 42 6.60 -5.79 -12.65
C CYS B 42 6.74 -4.31 -12.94
N GLN B 43 5.68 -3.58 -12.62
CA GLN B 43 5.68 -2.13 -12.71
C GLN B 43 6.33 -1.52 -11.47
N LEU B 44 6.74 -0.27 -11.62
CA LEU B 44 7.39 0.48 -10.55
C LEU B 44 6.44 0.68 -9.37
N ALA B 45 6.92 0.33 -8.16
CA ALA B 45 6.20 0.60 -6.91
C ALA B 45 4.84 -0.10 -6.84
N LYS B 46 4.66 -1.19 -7.57
CA LYS B 46 3.43 -1.97 -7.55
C LYS B 46 3.63 -3.27 -6.78
N THR B 47 2.53 -3.80 -6.25
CA THR B 47 2.55 -5.00 -5.43
C THR B 47 3.06 -6.20 -6.22
N CYS B 48 4.10 -6.87 -5.70
CA CYS B 48 4.62 -8.13 -6.23
C CYS B 48 4.45 -9.24 -5.20
N PRO B 49 3.44 -10.09 -5.34
CA PRO B 49 3.26 -11.17 -4.36
C PRO B 49 4.22 -12.32 -4.62
N VAL B 50 4.90 -12.76 -3.57
CA VAL B 50 5.81 -13.89 -3.63
C VAL B 50 5.39 -14.88 -2.55
N GLN B 51 5.11 -16.12 -2.95
CA GLN B 51 4.72 -17.16 -2.01
C GLN B 51 5.97 -17.80 -1.41
N LEU B 52 5.89 -18.12 -0.11
CA LEU B 52 6.89 -18.90 0.59
C LEU B 52 6.30 -20.25 0.93
N TRP B 53 6.92 -21.31 0.43
CA TRP B 53 6.47 -22.68 0.66
C TRP B 53 7.50 -23.43 1.51
N VAL B 54 7.01 -24.17 2.51
CA VAL B 54 7.88 -25.04 3.29
C VAL B 54 7.20 -26.40 3.45
N ASP B 55 8.01 -27.45 3.57
CA ASP B 55 7.50 -28.79 3.87
C ASP B 55 7.22 -28.98 5.35
N SER B 56 7.94 -28.26 6.22
CA SER B 56 7.67 -28.34 7.64
C SER B 56 7.90 -26.96 8.24
N THR B 57 7.25 -26.74 9.38
CA THR B 57 7.16 -25.40 9.97
C THR B 57 8.47 -25.02 10.63
N PRO B 58 9.09 -23.92 10.25
CA PRO B 58 10.31 -23.45 10.93
C PRO B 58 10.00 -22.85 12.29
N PRO B 59 11.02 -22.67 13.13
CA PRO B 59 10.78 -22.19 14.50
C PRO B 59 10.25 -20.78 14.53
N PRO B 60 9.53 -20.40 15.59
CA PRO B 60 9.24 -18.98 15.81
C PRO B 60 10.52 -18.17 15.84
N GLY B 61 10.50 -17.00 15.20
CA GLY B 61 11.68 -16.18 15.10
C GLY B 61 12.43 -16.35 13.79
N THR B 62 12.04 -17.32 12.97
CA THR B 62 12.56 -17.40 11.61
C THR B 62 12.18 -16.14 10.85
N ARG B 63 13.08 -15.66 9.98
CA ARG B 63 12.84 -14.46 9.20
C ARG B 63 13.08 -14.73 7.72
N VAL B 64 12.60 -13.81 6.88
CA VAL B 64 12.72 -13.93 5.43
C VAL B 64 13.35 -12.65 4.91
N ARG B 65 14.47 -12.77 4.20
CA ARG B 65 15.23 -11.60 3.73
C ARG B 65 15.26 -11.57 2.21
N ALA B 66 15.17 -10.36 1.64
CA ALA B 66 15.27 -10.14 0.21
C ALA B 66 16.44 -9.21 -0.09
N MET B 67 17.19 -9.55 -1.13
CA MET B 67 18.36 -8.77 -1.53
C MET B 67 18.50 -8.86 -3.04
N ALA B 68 18.82 -7.76 -3.70
CA ALA B 68 19.06 -7.77 -5.14
C ALA B 68 20.55 -7.81 -5.43
N ILE B 69 20.94 -8.58 -6.47
CA ILE B 69 22.30 -8.53 -7.02
C ILE B 69 22.20 -8.45 -8.53
N TYR B 70 23.25 -7.90 -9.16
CA TYR B 70 23.33 -7.95 -10.62
C TYR B 70 23.62 -9.37 -11.09
N LYS B 71 22.94 -9.76 -12.17
CA LYS B 71 23.05 -11.11 -12.70
C LYS B 71 24.38 -11.35 -13.41
N GLN B 72 24.89 -10.37 -14.14
CA GLN B 72 26.05 -10.60 -14.98
C GLN B 72 27.34 -10.56 -14.17
N SER B 73 28.31 -11.38 -14.59
CA SER B 73 29.52 -11.56 -13.81
C SER B 73 30.27 -10.24 -13.62
N GLN B 74 30.33 -9.40 -14.66
CA GLN B 74 31.09 -8.16 -14.53
C GLN B 74 30.39 -7.11 -13.67
N HIS B 75 29.14 -7.34 -13.26
CA HIS B 75 28.43 -6.37 -12.44
C HIS B 75 28.08 -6.89 -11.05
N MET B 76 28.26 -8.19 -10.79
CA MET B 76 27.75 -8.76 -9.56
C MET B 76 28.41 -8.19 -8.31
N THR B 77 29.64 -7.67 -8.41
CA THR B 77 30.24 -7.04 -7.22
C THR B 77 29.74 -5.63 -6.95
N GLU B 78 28.90 -5.04 -7.82
CA GLU B 78 28.36 -3.70 -7.59
C GLU B 78 27.08 -3.78 -6.79
N VAL B 79 26.96 -2.94 -5.75
CA VAL B 79 25.73 -2.88 -4.97
C VAL B 79 24.58 -2.41 -5.86
N VAL B 80 23.46 -3.13 -5.83
CA VAL B 80 22.26 -2.69 -6.52
C VAL B 80 21.56 -1.64 -5.65
N ARG B 81 21.31 -0.47 -6.21
CA ARG B 81 20.66 0.60 -5.48
C ARG B 81 19.76 1.39 -6.42
N ARG B 82 18.92 2.24 -5.81
CA ARG B 82 18.12 3.15 -6.62
C ARG B 82 19.01 4.16 -7.31
N CYS B 83 18.53 4.62 -8.47
CA CYS B 83 19.26 5.52 -9.35
C CYS B 83 19.36 6.91 -8.75
N PRO B 84 20.22 7.79 -9.30
CA PRO B 84 20.40 9.12 -8.70
C PRO B 84 19.13 9.95 -8.67
N HIS B 85 18.19 9.68 -9.57
CA HIS B 85 16.90 10.37 -9.58
C HIS B 85 15.98 9.84 -8.49
N HIS B 86 15.77 8.52 -8.45
CA HIS B 86 14.77 7.99 -7.54
C HIS B 86 15.25 8.00 -6.09
N GLU B 87 16.57 7.90 -5.83
CA GLU B 87 17.04 7.93 -4.46
C GLU B 87 16.79 9.29 -3.81
N ARG B 88 16.55 10.32 -4.61
CA ARG B 88 16.27 11.66 -4.08
C ARG B 88 14.79 11.97 -4.04
N CYS B 89 13.94 10.99 -4.33
CA CYS B 89 12.51 11.11 -4.09
C CYS B 89 12.21 11.06 -2.61
N SER B 90 11.37 11.96 -2.13
CA SER B 90 10.89 11.85 -0.75
C SER B 90 9.67 10.94 -0.76
N ASP B 91 9.94 9.64 -0.93
CA ASP B 91 8.86 8.67 -1.03
C ASP B 91 9.02 7.52 -0.04
N SER B 92 9.81 7.70 1.02
CA SER B 92 9.95 6.64 2.01
C SER B 92 8.64 6.47 2.78
N ASP B 93 8.30 5.23 3.10
CA ASP B 93 7.17 4.96 3.98
C ASP B 93 7.49 5.23 5.44
N GLY B 94 8.74 5.56 5.75
CA GLY B 94 9.20 5.76 7.11
C GLY B 94 10.07 4.66 7.62
N LEU B 95 10.06 3.49 6.96
CA LEU B 95 10.95 2.39 7.27
C LEU B 95 12.07 2.26 6.25
N ALA B 96 11.74 2.31 4.95
CA ALA B 96 12.74 2.03 3.93
C ALA B 96 13.65 3.24 3.70
N PRO B 97 14.96 3.09 3.78
CA PRO B 97 15.85 4.16 3.32
C PRO B 97 15.60 4.46 1.86
N PRO B 98 15.75 5.72 1.44
CA PRO B 98 15.40 6.07 0.05
C PRO B 98 16.33 5.44 -0.99
N GLN B 99 17.49 4.91 -0.60
CA GLN B 99 18.39 4.26 -1.54
C GLN B 99 17.96 2.84 -1.89
N HIS B 100 17.09 2.21 -1.09
CA HIS B 100 16.82 0.77 -1.25
C HIS B 100 15.88 0.50 -2.42
N LEU B 101 16.29 -0.44 -3.28
CA LEU B 101 15.45 -0.84 -4.41
C LEU B 101 14.22 -1.62 -3.96
N ILE B 102 14.38 -2.56 -3.01
CA ILE B 102 13.31 -3.48 -2.65
C ILE B 102 12.69 -3.03 -1.34
N ARG B 103 11.37 -2.90 -1.33
CA ARG B 103 10.60 -2.66 -0.10
C ARG B 103 9.62 -3.79 0.12
N VAL B 104 9.21 -3.95 1.38
CA VAL B 104 8.06 -4.78 1.72
C VAL B 104 6.85 -3.87 1.93
N GLU B 105 5.72 -4.26 1.36
CA GLU B 105 4.46 -3.54 1.49
C GLU B 105 3.59 -4.19 2.56
N GLY B 106 3.00 -3.37 3.42
CA GLY B 106 1.99 -3.85 4.34
C GLY B 106 2.50 -4.70 5.48
N ASN B 107 3.72 -4.46 5.96
CA ASN B 107 4.24 -5.17 7.12
C ASN B 107 5.01 -4.19 7.99
N LEU B 108 4.42 -3.80 9.12
CA LEU B 108 5.04 -2.84 10.03
C LEU B 108 6.27 -3.41 10.74
N ARG B 109 6.53 -4.70 10.64
CA ARG B 109 7.71 -5.33 11.22
C ARG B 109 8.86 -5.46 10.24
N ALA B 110 8.72 -4.91 9.03
CA ALA B 110 9.82 -4.94 8.08
C ALA B 110 11.00 -4.15 8.63
N GLU B 111 12.20 -4.69 8.46
CA GLU B 111 13.44 -4.03 8.84
C GLU B 111 14.38 -3.96 7.65
N TYR B 112 15.09 -2.83 7.52
CA TYR B 112 15.96 -2.56 6.39
C TYR B 112 17.39 -2.52 6.88
N LEU B 113 18.28 -3.25 6.20
CA LEU B 113 19.68 -3.35 6.59
C LEU B 113 20.57 -2.73 5.52
N ASP B 114 21.49 -1.88 5.96
CA ASP B 114 22.66 -1.47 5.18
C ASP B 114 23.85 -2.19 5.78
N ASP B 115 24.37 -3.19 5.07
CA ASP B 115 25.42 -4.04 5.63
C ASP B 115 26.67 -3.21 5.88
N ARG B 116 27.19 -3.27 7.12
CA ARG B 116 28.31 -2.41 7.50
C ARG B 116 29.61 -2.80 6.80
N ASN B 117 29.70 -4.02 6.28
CA ASN B 117 30.92 -4.49 5.61
C ASN B 117 30.80 -4.53 4.10
N THR B 118 29.66 -4.96 3.57
CA THR B 118 29.49 -5.09 2.13
C THR B 118 28.72 -3.94 1.52
N PHE B 119 28.03 -3.13 2.35
CA PHE B 119 27.21 -2.01 1.94
C PHE B 119 25.98 -2.42 1.14
N ARG B 120 25.68 -3.71 1.08
CA ARG B 120 24.50 -4.14 0.36
C ARG B 120 23.24 -3.89 1.18
N HIS B 121 22.14 -3.71 0.47
CA HIS B 121 20.84 -3.41 1.05
C HIS B 121 20.01 -4.68 1.11
N SER B 122 19.19 -4.80 2.16
CA SER B 122 18.24 -5.89 2.18
C SER B 122 17.06 -5.50 3.07
N VAL B 123 15.95 -6.20 2.90
CA VAL B 123 14.77 -6.00 3.72
C VAL B 123 14.34 -7.36 4.27
N VAL B 124 14.03 -7.41 5.56
CA VAL B 124 13.77 -8.66 6.26
C VAL B 124 12.49 -8.54 7.08
N VAL B 125 11.66 -9.60 7.07
CA VAL B 125 10.43 -9.63 7.86
C VAL B 125 10.37 -10.93 8.64
N PRO B 126 9.60 -10.97 9.73
CA PRO B 126 9.37 -12.26 10.40
C PRO B 126 8.64 -13.22 9.47
N CYS B 127 9.07 -14.49 9.50
CA CYS B 127 8.34 -15.55 8.81
C CYS B 127 7.12 -15.91 9.64
N GLU B 128 5.96 -15.99 8.99
CA GLU B 128 4.73 -16.30 9.71
C GLU B 128 4.05 -17.49 9.06
N PRO B 129 3.33 -18.29 9.84
CA PRO B 129 2.55 -19.41 9.28
C PRO B 129 1.47 -18.91 8.34
N PRO B 130 0.96 -19.77 7.46
CA PRO B 130 -0.12 -19.35 6.56
C PRO B 130 -1.37 -18.96 7.32
N GLU B 131 -2.09 -17.99 6.78
CA GLU B 131 -3.37 -17.59 7.35
C GLU B 131 -4.37 -18.75 7.24
N VAL B 132 -5.50 -18.60 7.93
CA VAL B 132 -6.51 -19.64 7.96
C VAL B 132 -6.98 -19.96 6.55
N GLY B 133 -6.97 -21.24 6.19
CA GLY B 133 -7.38 -21.66 4.87
C GLY B 133 -6.37 -21.44 3.77
N SER B 134 -5.10 -21.26 4.10
CA SER B 134 -4.04 -21.11 3.10
C SER B 134 -2.95 -22.14 3.34
N ASP B 135 -2.27 -22.51 2.26
CA ASP B 135 -1.19 -23.49 2.33
C ASP B 135 0.19 -22.87 2.30
N CYS B 136 0.29 -21.57 2.06
CA CYS B 136 1.58 -20.90 2.00
C CYS B 136 1.45 -19.52 2.59
N THR B 137 2.58 -18.90 2.84
CA THR B 137 2.64 -17.51 3.27
C THR B 137 3.00 -16.65 2.07
N THR B 138 2.50 -15.42 2.06
CA THR B 138 2.79 -14.49 0.96
C THR B 138 3.45 -13.24 1.53
N ILE B 139 4.47 -12.75 0.82
CA ILE B 139 5.08 -11.45 1.09
C ILE B 139 4.82 -10.57 -0.12
N HIS B 140 4.50 -9.29 0.13
CA HIS B 140 4.29 -8.32 -0.94
C HIS B 140 5.52 -7.43 -1.06
N TYR B 141 6.24 -7.54 -2.17
CA TYR B 141 7.39 -6.68 -2.43
C TYR B 141 7.03 -5.55 -3.39
N ASN B 142 7.77 -4.43 -3.28
CA ASN B 142 7.72 -3.35 -4.25
C ASN B 142 9.14 -3.08 -4.74
N TYR B 143 9.31 -2.86 -6.03
CA TYR B 143 10.59 -2.44 -6.62
C TYR B 143 10.51 -0.97 -7.01
N MET B 144 11.49 -0.18 -6.56
CA MET B 144 11.35 1.27 -6.54
C MET B 144 12.18 1.99 -7.60
N CYS B 145 12.69 1.26 -8.60
CA CYS B 145 13.38 1.81 -9.76
C CYS B 145 13.03 0.96 -10.96
N TYR B 146 13.04 1.57 -12.16
CA TYR B 146 12.96 0.79 -13.39
C TYR B 146 14.31 0.14 -13.71
N SER B 147 14.25 -1.04 -14.35
CA SER B 147 15.47 -1.68 -14.82
C SER B 147 16.27 -0.75 -15.72
N SER B 148 15.60 0.12 -16.45
CA SER B 148 16.24 1.02 -17.40
C SER B 148 16.79 2.31 -16.78
N CYS B 149 16.61 2.53 -15.47
CA CYS B 149 16.97 3.84 -14.90
C CYS B 149 18.45 4.13 -15.08
N MET B 150 18.77 5.29 -15.67
CA MET B 150 20.17 5.62 -15.91
C MET B 150 20.87 6.00 -14.61
N GLY B 151 22.14 5.60 -14.50
CA GLY B 151 22.88 5.77 -13.28
C GLY B 151 22.53 4.80 -12.17
N GLY B 152 21.50 3.99 -12.37
CA GLY B 152 21.14 2.93 -11.43
C GLY B 152 21.32 1.59 -12.10
N MET B 153 20.26 0.79 -12.21
CA MET B 153 20.41 -0.50 -12.87
C MET B 153 20.85 -0.36 -14.32
N ASN B 154 20.43 0.70 -15.01
N ASN B 154 20.47 0.73 -14.99
CA ASN B 154 20.98 1.06 -16.31
CA ASN B 154 20.95 1.06 -16.33
C ASN B 154 20.84 -0.08 -17.32
C ASN B 154 20.86 -0.14 -17.27
N ARG B 155 19.68 -0.74 -17.32
CA ARG B 155 19.31 -1.85 -18.21
C ARG B 155 20.02 -3.16 -17.87
N ARG B 156 20.76 -3.24 -16.77
CA ARG B 156 21.42 -4.49 -16.39
C ARG B 156 20.45 -5.39 -15.64
N PRO B 157 20.35 -6.67 -15.98
CA PRO B 157 19.45 -7.57 -15.26
C PRO B 157 19.90 -7.80 -13.81
N ILE B 158 18.91 -7.94 -12.93
CA ILE B 158 19.15 -8.24 -11.53
C ILE B 158 18.43 -9.54 -11.16
N LEU B 159 18.93 -10.14 -10.09
CA LEU B 159 18.26 -11.24 -9.41
C LEU B 159 17.82 -10.76 -8.04
N THR B 160 16.68 -11.24 -7.57
CA THR B 160 16.33 -11.12 -6.15
C THR B 160 16.65 -12.46 -5.50
N ILE B 161 17.40 -12.42 -4.41
CA ILE B 161 17.71 -13.61 -3.61
C ILE B 161 16.85 -13.54 -2.36
N ILE B 162 16.06 -14.58 -2.10
CA ILE B 162 15.24 -14.69 -0.91
C ILE B 162 15.87 -15.73 0.00
N THR B 163 16.19 -15.34 1.24
CA THR B 163 16.77 -16.28 2.19
C THR B 163 15.88 -16.44 3.40
N LEU B 164 15.69 -17.69 3.79
CA LEU B 164 15.08 -18.05 5.06
C LEU B 164 16.19 -18.12 6.10
N GLU B 165 16.01 -17.42 7.22
CA GLU B 165 17.06 -17.25 8.22
C GLU B 165 16.52 -17.56 9.61
N ASP B 166 17.40 -18.05 10.48
CA ASP B 166 17.03 -18.15 11.89
C ASP B 166 17.15 -16.77 12.55
N SER B 167 16.85 -16.71 13.86
CA SER B 167 16.78 -15.41 14.53
C SER B 167 18.15 -14.73 14.64
N SER B 168 19.25 -15.49 14.49
CA SER B 168 20.59 -14.90 14.42
C SER B 168 20.99 -14.49 13.02
N GLY B 169 20.19 -14.83 12.01
CA GLY B 169 20.59 -14.57 10.64
C GLY B 169 21.30 -15.71 9.93
N ASN B 170 21.44 -16.88 10.57
CA ASN B 170 22.05 -18.02 9.89
C ASN B 170 21.12 -18.56 8.79
N LEU B 171 21.74 -19.05 7.73
CA LEU B 171 21.00 -19.53 6.56
C LEU B 171 20.20 -20.79 6.89
N LEU B 172 18.92 -20.78 6.57
CA LEU B 172 18.08 -21.98 6.58
C LEU B 172 17.63 -22.43 5.19
N GLY B 173 17.53 -21.52 4.24
CA GLY B 173 17.07 -21.85 2.90
C GLY B 173 17.29 -20.66 1.99
N ARG B 174 17.36 -20.94 0.69
CA ARG B 174 17.63 -19.89 -0.29
C ARG B 174 16.94 -20.21 -1.62
N ASP B 175 16.42 -19.17 -2.29
CA ASP B 175 15.86 -19.29 -3.63
C ASP B 175 16.07 -17.94 -4.30
N SER B 176 15.80 -17.87 -5.60
CA SER B 176 16.07 -16.62 -6.31
C SER B 176 15.30 -16.58 -7.62
N PHE B 177 15.16 -15.36 -8.16
CA PHE B 177 14.50 -15.16 -9.44
C PHE B 177 15.03 -13.88 -10.06
N GLU B 178 15.01 -13.82 -11.39
CA GLU B 178 15.36 -12.59 -12.11
C GLU B 178 14.18 -11.63 -12.04
N VAL B 179 14.49 -10.32 -12.12
CA VAL B 179 13.45 -9.29 -12.10
C VAL B 179 13.70 -8.30 -13.22
N ARG B 180 12.63 -7.89 -13.91
CA ARG B 180 12.64 -6.71 -14.76
C ARG B 180 11.53 -5.77 -14.30
N VAL B 181 11.90 -4.55 -13.93
CA VAL B 181 10.93 -3.52 -13.54
C VAL B 181 10.71 -2.66 -14.77
N CYS B 182 9.48 -2.63 -15.27
CA CYS B 182 9.21 -2.03 -16.57
C CYS B 182 7.77 -1.53 -16.61
N ALA B 183 7.49 -0.71 -17.61
CA ALA B 183 6.17 -0.10 -17.72
C ALA B 183 5.11 -1.08 -18.20
N CYS B 184 5.49 -2.10 -18.98
CA CYS B 184 4.55 -3.01 -19.62
C CYS B 184 4.97 -4.45 -19.35
N PRO B 185 4.77 -4.93 -18.12
CA PRO B 185 5.26 -6.29 -17.78
C PRO B 185 4.66 -7.39 -18.64
N GLY B 186 3.37 -7.30 -18.95
CA GLY B 186 2.74 -8.35 -19.74
C GLY B 186 3.30 -8.41 -21.15
N ARG B 187 3.45 -7.25 -21.79
CA ARG B 187 4.03 -7.22 -23.12
C ARG B 187 5.48 -7.70 -23.09
N ASP B 188 6.24 -7.30 -22.07
CA ASP B 188 7.65 -7.68 -22.04
C ASP B 188 7.84 -9.17 -21.73
N ARG B 189 7.00 -9.74 -20.86
CA ARG B 189 7.06 -11.19 -20.67
C ARG B 189 6.76 -11.93 -21.98
N ARG B 190 5.72 -11.50 -22.71
CA ARG B 190 5.41 -12.15 -23.98
C ARG B 190 6.58 -12.09 -24.95
N THR B 191 7.21 -10.91 -25.06
CA THR B 191 8.34 -10.77 -25.97
C THR B 191 9.49 -11.70 -25.57
N GLU B 192 9.86 -11.69 -24.29
CA GLU B 192 11.02 -12.49 -23.88
C GLU B 192 10.73 -13.98 -23.97
N GLU B 193 9.49 -14.41 -23.70
CA GLU B 193 9.15 -15.82 -23.89
C GLU B 193 9.14 -16.19 -25.37
N GLU B 194 8.59 -15.31 -26.22
CA GLU B 194 8.65 -15.57 -27.65
C GLU B 194 10.09 -15.65 -28.13
N ASN B 195 10.96 -14.75 -27.63
CA ASN B 195 12.37 -14.81 -28.00
C ASN B 195 13.01 -16.12 -27.58
N LEU B 196 12.66 -16.61 -26.38
CA LEU B 196 13.23 -17.86 -25.88
C LEU B 196 12.86 -19.02 -26.79
N ARG B 197 11.61 -19.07 -27.24
CA ARG B 197 11.14 -20.17 -28.07
C ARG B 197 11.74 -20.19 -29.47
N LYS B 198 12.62 -19.24 -29.80
CA LYS B 198 13.24 -19.20 -31.11
C LYS B 198 14.76 -19.34 -31.00
#